data_3LR1
#
_entry.id   3LR1
#
_cell.length_a   69.736
_cell.length_b   70.386
_cell.length_c   91.161
_cell.angle_alpha   90.00
_cell.angle_beta   90.00
_cell.angle_gamma   90.00
#
_symmetry.space_group_name_H-M   'C 2 2 21'
#
loop_
_entity.id
_entity.type
_entity.pdbx_description
1 polymer 'Tungstate ABC transporter, periplasmic tungstate-binding protein'
2 non-polymer 'TUNGSTEN ION'
3 non-polymer GLYCEROL
4 water water
#
_entity_poly.entity_id   1
_entity_poly.type   'polypeptide(L)'
_entity_poly.pdbx_seq_one_letter_code
;SNAEERLK(MSE)STTTSTQDSGLLKVLLPPFEKKNNVKVDVIAVGTGQALKLGEAGDVDVVFVHARKLEDKFVADGFGV
NRKDV(MSE)YNDFVIVGPKNDPAGIAKAKTAAEALKLLATKGATFISRGDKSGTHTKELDLWKSAGVDPKGNWYVEAGQ
G(MSE)GPVIT(MSE)ATERRAYTLTDRGTYNAFKGAKTDLVILFQGEKGLFNPYGI(MSE)AVNPKKFPHVKYDLA
(MSE)KLIDYVTGPEGLKIISDY
;
_entity_poly.pdbx_strand_id   A
#
loop_
_chem_comp.id
_chem_comp.type
_chem_comp.name
_chem_comp.formula
GOL non-polymer GLYCEROL 'C3 H8 O3'
W non-polymer 'TUNGSTEN ION' 'W 6'
#
# COMPACT_ATOMS: atom_id res chain seq x y z
N ASN A 2 11.14 29.08 -2.17
CA ASN A 2 10.20 29.31 -1.02
C ASN A 2 9.03 28.32 -1.01
N ALA A 3 8.40 28.12 0.17
CA ALA A 3 7.49 26.98 0.52
C ALA A 3 6.03 27.29 0.98
N GLU A 4 4.96 27.31 0.14
CA GLU A 4 4.84 27.76 -1.27
C GLU A 4 5.58 27.19 -2.52
N GLU A 5 6.85 26.77 -2.46
CA GLU A 5 7.40 25.85 -3.48
C GLU A 5 6.95 24.47 -3.07
N ARG A 6 6.25 23.80 -3.97
CA ARG A 6 5.51 22.61 -3.65
C ARG A 6 5.94 21.50 -4.58
N LEU A 7 6.03 20.30 -4.04
CA LEU A 7 6.32 19.08 -4.79
C LEU A 7 5.07 18.25 -4.60
N LYS A 8 4.54 17.69 -5.67
CA LYS A 8 3.27 16.90 -5.64
C LYS A 8 3.61 15.42 -5.77
N MSE A 9 3.16 14.63 -4.85
CA MSE A 9 3.35 13.20 -4.85
C MSE A 9 1.98 12.50 -4.90
O MSE A 9 1.11 12.72 -4.04
CB MSE A 9 4.09 12.77 -3.59
CG MSE A 9 4.29 11.30 -3.45
SE MSE A 9 5.35 11.00 -1.83
CE MSE A 9 3.88 10.63 -0.82
N SER A 10 1.81 11.63 -5.87
CA SER A 10 0.60 10.78 -5.85
C SER A 10 0.94 9.48 -5.13
N THR A 11 -0.03 9.00 -4.39
CA THR A 11 0.07 7.76 -3.61
C THR A 11 -1.30 7.15 -3.42
N THR A 12 -1.39 6.06 -2.69
CA THR A 12 -2.71 5.52 -2.47
C THR A 12 -3.26 5.90 -1.11
N THR A 13 -4.60 5.96 -1.02
CA THR A 13 -5.30 6.27 0.21
C THR A 13 -4.87 5.35 1.32
N SER A 14 -4.67 4.09 0.96
CA SER A 14 -4.13 3.07 1.84
C SER A 14 -2.72 3.46 2.46
N THR A 15 -1.81 3.98 1.65
CA THR A 15 -0.51 4.48 2.15
C THR A 15 -0.68 5.76 3.06
N GLN A 16 -1.64 6.62 2.75
CA GLN A 16 -1.87 7.78 3.60
C GLN A 16 -2.32 7.33 4.99
N ASP A 17 -3.20 6.33 5.00
CA ASP A 17 -3.81 5.83 6.27
C ASP A 17 -2.75 5.32 7.24
N SER A 18 -1.67 4.76 6.72
CA SER A 18 -0.67 4.23 7.58
C SER A 18 -0.04 5.30 8.43
N GLY A 19 -0.05 6.56 7.96
CA GLY A 19 0.57 7.65 8.79
C GLY A 19 2.07 7.87 8.62
N LEU A 20 2.73 7.03 7.84
CA LEU A 20 4.16 7.15 7.63
C LEU A 20 4.55 8.53 7.11
N LEU A 21 3.82 9.00 6.12
CA LEU A 21 4.18 10.25 5.45
C LEU A 21 4.18 11.46 6.38
N LYS A 22 3.32 11.49 7.40
CA LYS A 22 3.27 12.53 8.36
C LYS A 22 4.58 12.69 9.17
N VAL A 23 5.33 11.62 9.34
CA VAL A 23 6.60 11.58 10.03
C VAL A 23 7.80 11.66 9.05
N LEU A 24 7.68 11.02 7.89
CA LEU A 24 8.76 10.97 6.92
C LEU A 24 9.01 12.31 6.22
N LEU A 25 7.94 13.04 5.86
CA LEU A 25 8.10 14.23 5.05
C LEU A 25 8.64 15.52 5.74
N PRO A 26 8.25 15.83 6.98
CA PRO A 26 8.71 17.11 7.54
C PRO A 26 10.21 17.44 7.55
N PRO A 27 11.07 16.47 7.88
CA PRO A 27 12.49 16.81 7.77
C PRO A 27 12.94 17.19 6.37
N PHE A 28 12.37 16.53 5.35
CA PHE A 28 12.63 16.90 3.93
C PHE A 28 12.09 18.28 3.64
N GLU A 29 10.86 18.57 4.09
CA GLU A 29 10.27 19.89 3.88
C GLU A 29 11.10 21.00 4.48
N LYS A 30 11.57 20.77 5.71
CA LYS A 30 12.42 21.75 6.39
C LYS A 30 13.73 21.92 5.66
N LYS A 31 14.34 20.81 5.27
CA LYS A 31 15.68 20.94 4.67
C LYS A 31 15.65 21.70 3.35
N ASN A 32 14.57 21.53 2.58
CA ASN A 32 14.51 22.12 1.25
C ASN A 32 13.61 23.32 1.11
N ASN A 33 12.97 23.71 2.18
CA ASN A 33 12.02 24.85 2.20
C ASN A 33 10.93 24.60 1.15
N VAL A 34 10.29 23.46 1.29
CA VAL A 34 9.22 23.07 0.35
C VAL A 34 8.08 22.43 1.08
N LYS A 35 6.97 22.34 0.40
CA LYS A 35 5.83 21.60 0.91
C LYS A 35 5.66 20.40 -0.02
N VAL A 36 5.43 19.22 0.52
CA VAL A 36 5.12 18.03 -0.27
C VAL A 36 3.63 17.80 -0.10
N ASP A 37 2.88 18.02 -1.20
CA ASP A 37 1.44 17.71 -1.24
C ASP A 37 1.26 16.22 -1.52
N VAL A 38 0.53 15.56 -0.63
CA VAL A 38 0.23 14.16 -0.77
C VAL A 38 -1.18 14.03 -1.37
N ILE A 39 -1.25 13.41 -2.54
CA ILE A 39 -2.51 13.21 -3.33
C ILE A 39 -2.77 11.70 -3.28
N ALA A 40 -3.62 11.31 -2.35
CA ALA A 40 -3.90 9.92 -2.08
C ALA A 40 -5.22 9.52 -2.73
N VAL A 41 -5.09 8.66 -3.72
CA VAL A 41 -6.18 8.28 -4.60
C VAL A 41 -6.10 6.78 -4.79
N GLY A 42 -6.93 6.21 -5.65
CA GLY A 42 -6.75 4.74 -5.99
C GLY A 42 -5.43 4.48 -6.74
N THR A 43 -4.98 3.23 -6.78
CA THR A 43 -3.72 2.87 -7.41
C THR A 43 -3.65 3.30 -8.87
N GLY A 44 -4.72 2.99 -9.60
CA GLY A 44 -4.80 3.34 -11.00
C GLY A 44 -4.68 4.83 -11.21
N GLN A 45 -5.38 5.60 -10.39
CA GLN A 45 -5.40 7.07 -10.48
C GLN A 45 -4.06 7.70 -10.10
N ALA A 46 -3.34 7.08 -9.18
CA ALA A 46 -2.08 7.61 -8.76
C ALA A 46 -1.11 7.56 -9.95
N LEU A 47 -1.15 6.49 -10.74
CA LEU A 47 -0.32 6.37 -11.92
C LEU A 47 -0.87 7.25 -13.02
N LYS A 48 -2.22 7.37 -13.16
CA LYS A 48 -2.81 8.23 -14.21
C LYS A 48 -2.39 9.70 -14.03
N LEU A 49 -2.28 10.13 -12.77
CA LEU A 49 -1.86 11.48 -12.45
C LEU A 49 -0.42 11.73 -12.89
N GLY A 50 0.44 10.74 -12.71
CA GLY A 50 1.81 10.83 -13.16
C GLY A 50 1.90 10.76 -14.70
N GLU A 51 1.06 9.91 -15.32
CA GLU A 51 0.95 9.80 -16.82
C GLU A 51 0.52 11.10 -17.44
N ALA A 52 -0.22 11.91 -16.71
CA ALA A 52 -0.67 13.23 -17.17
C ALA A 52 0.28 14.37 -16.81
N GLY A 53 1.31 14.11 -16.02
CA GLY A 53 2.24 15.16 -15.57
C GLY A 53 1.70 16.06 -14.47
N ASP A 54 0.62 15.63 -13.80
CA ASP A 54 -0.05 16.46 -12.78
C ASP A 54 0.55 16.26 -11.40
N VAL A 55 1.45 15.27 -11.26
CA VAL A 55 2.30 15.17 -10.09
C VAL A 55 3.75 15.02 -10.50
N ASP A 56 4.66 15.20 -9.53
CA ASP A 56 6.12 15.12 -9.79
C ASP A 56 6.76 13.76 -9.38
N VAL A 57 6.12 13.09 -8.42
CA VAL A 57 6.57 11.82 -7.88
C VAL A 57 5.39 10.90 -7.68
N VAL A 58 5.61 9.59 -7.90
CA VAL A 58 4.61 8.59 -7.66
C VAL A 58 5.17 7.64 -6.63
N PHE A 59 4.35 7.30 -5.62
CA PHE A 59 4.80 6.38 -4.54
C PHE A 59 3.70 5.35 -4.28
N VAL A 60 3.92 4.13 -4.75
CA VAL A 60 2.86 3.12 -4.75
C VAL A 60 3.46 1.75 -4.49
N HIS A 61 2.63 0.81 -4.15
CA HIS A 61 3.06 -0.58 -3.99
C HIS A 61 2.22 -1.32 -5.02
N ALA A 62 2.76 -1.56 -6.21
CA ALA A 62 2.00 -2.24 -7.30
C ALA A 62 3.00 -2.54 -8.40
N ARG A 63 3.73 -3.59 -8.15
CA ARG A 63 4.96 -3.83 -8.91
C ARG A 63 4.75 -3.89 -10.46
N LYS A 64 3.75 -4.62 -10.90
CA LYS A 64 3.55 -4.73 -12.35
C LYS A 64 3.23 -3.38 -12.96
N LEU A 65 2.40 -2.63 -12.28
CA LEU A 65 1.99 -1.34 -12.79
C LEU A 65 3.15 -0.33 -12.76
N GLU A 66 3.99 -0.40 -11.75
CA GLU A 66 5.17 0.46 -11.63
C GLU A 66 6.11 0.14 -12.80
N ASP A 67 6.33 -1.16 -13.06
CA ASP A 67 7.19 -1.55 -14.18
C ASP A 67 6.72 -0.99 -15.50
N LYS A 68 5.41 -1.04 -15.71
CA LYS A 68 4.82 -0.51 -16.94
C LYS A 68 5.00 0.99 -17.04
N PHE A 69 4.86 1.69 -15.93
CA PHE A 69 5.00 3.15 -15.87
C PHE A 69 6.42 3.56 -16.27
N VAL A 70 7.38 2.79 -15.82
CA VAL A 70 8.78 2.98 -16.18
C VAL A 70 9.03 2.61 -17.64
N ALA A 71 8.52 1.45 -18.07
CA ALA A 71 8.68 0.98 -19.45
C ALA A 71 8.07 1.95 -20.45
N ASP A 72 6.95 2.53 -20.04
CA ASP A 72 6.24 3.51 -20.85
C ASP A 72 6.91 4.88 -20.89
N GLY A 73 7.99 5.07 -20.12
CA GLY A 73 8.72 6.30 -20.15
C GLY A 73 8.24 7.35 -19.18
N PHE A 74 7.21 7.07 -18.41
CA PHE A 74 6.66 8.12 -17.53
C PHE A 74 7.41 8.33 -16.25
N GLY A 75 7.96 7.24 -15.74
CA GLY A 75 8.65 7.25 -14.50
C GLY A 75 10.13 6.93 -14.69
N VAL A 76 10.94 7.60 -13.92
CA VAL A 76 12.36 7.41 -14.01
C VAL A 76 12.98 7.29 -12.63
N ASN A 77 14.08 6.54 -12.58
CA ASN A 77 14.89 6.38 -11.37
C ASN A 77 14.11 5.79 -10.17
N ARG A 78 13.28 4.80 -10.49
CA ARG A 78 12.52 4.04 -9.51
C ARG A 78 13.43 3.45 -8.44
N LYS A 79 13.06 3.64 -7.19
CA LYS A 79 13.75 2.99 -6.09
C LYS A 79 12.78 2.26 -5.19
N ASP A 80 13.20 1.10 -4.71
CA ASP A 80 12.47 0.35 -3.72
C ASP A 80 12.56 1.08 -2.42
N VAL A 81 11.43 1.11 -1.74
CA VAL A 81 11.28 1.63 -0.41
C VAL A 81 10.67 0.48 0.40
N MSE A 82 11.53 -0.16 1.19
CA MSE A 82 11.12 -1.35 1.89
C MSE A 82 10.35 -0.88 3.06
O MSE A 82 10.90 -0.24 3.96
CB MSE A 82 12.33 -2.19 2.31
CG MSE A 82 13.11 -2.77 1.07
SE MSE A 82 12.07 -4.12 0.04
CE MSE A 82 12.28 -3.12 -1.49
N TYR A 83 9.07 -1.21 3.08
CA TYR A 83 8.23 -0.78 4.19
C TYR A 83 7.02 -1.65 4.27
N ASN A 84 6.54 -1.86 5.48
CA ASN A 84 5.27 -2.45 5.73
C ASN A 84 5.25 -3.97 5.50
N ASP A 85 4.17 -4.61 5.97
CA ASP A 85 4.05 -6.04 5.75
C ASP A 85 2.59 -6.49 5.77
N PHE A 86 2.31 -7.72 5.34
CA PHE A 86 0.94 -8.13 5.25
C PHE A 86 0.55 -9.03 6.43
N VAL A 87 -0.66 -8.82 6.95
CA VAL A 87 -1.19 -9.68 8.01
C VAL A 87 -2.64 -10.11 7.67
N ILE A 88 -3.14 -11.16 8.34
CA ILE A 88 -4.52 -11.54 8.20
C ILE A 88 -5.20 -11.19 9.54
N VAL A 89 -6.25 -10.39 9.42
CA VAL A 89 -7.05 -10.01 10.54
C VAL A 89 -8.44 -10.65 10.44
N GLY A 90 -9.07 -10.75 11.58
CA GLY A 90 -10.37 -11.33 11.67
C GLY A 90 -10.95 -11.22 13.08
N PRO A 91 -12.13 -11.75 13.31
CA PRO A 91 -12.76 -11.68 14.61
C PRO A 91 -11.97 -12.28 15.74
N LYS A 92 -12.01 -11.71 16.93
CA LYS A 92 -11.10 -12.13 17.95
C LYS A 92 -11.27 -13.56 18.45
N ASN A 93 -12.36 -14.19 18.04
CA ASN A 93 -12.64 -15.58 18.35
C ASN A 93 -12.38 -16.55 17.19
N ASP A 94 -11.80 -16.03 16.12
CA ASP A 94 -11.18 -16.80 15.08
C ASP A 94 -11.86 -18.11 14.82
N PRO A 95 -13.04 -18.09 14.23
CA PRO A 95 -13.82 -19.32 14.02
C PRO A 95 -13.15 -20.32 13.08
N ALA A 96 -12.38 -19.80 12.13
CA ALA A 96 -11.66 -20.64 11.19
C ALA A 96 -10.37 -21.22 11.79
N GLY A 97 -9.97 -20.73 12.97
CA GLY A 97 -8.78 -21.21 13.65
C GLY A 97 -7.52 -20.90 12.89
N ILE A 98 -7.46 -19.73 12.27
CA ILE A 98 -6.29 -19.39 11.48
C ILE A 98 -5.07 -19.06 12.32
N ALA A 99 -5.25 -18.84 13.64
CA ALA A 99 -4.12 -18.58 14.52
C ALA A 99 -3.21 -19.80 14.59
N LYS A 100 -3.74 -20.97 14.26
CA LYS A 100 -2.92 -22.16 14.19
C LYS A 100 -2.20 -22.39 12.86
N ALA A 101 -2.42 -21.51 11.87
CA ALA A 101 -1.75 -21.60 10.57
C ALA A 101 -0.27 -21.24 10.65
N LYS A 102 0.57 -21.93 9.88
CA LYS A 102 1.99 -21.68 9.92
C LYS A 102 2.45 -20.81 8.77
N THR A 103 1.64 -20.68 7.73
CA THR A 103 1.97 -19.79 6.60
C THR A 103 0.69 -19.07 6.17
N ALA A 104 0.86 -17.99 5.44
CA ALA A 104 -0.30 -17.28 4.93
C ALA A 104 -1.12 -18.11 3.95
N ALA A 105 -0.46 -18.90 3.12
CA ALA A 105 -1.19 -19.78 2.21
C ALA A 105 -2.05 -20.79 2.98
N GLU A 106 -1.50 -21.41 4.02
CA GLU A 106 -2.28 -22.29 4.84
C GLU A 106 -3.47 -21.58 5.48
N ALA A 107 -3.25 -20.37 5.97
CA ALA A 107 -4.34 -19.60 6.63
C ALA A 107 -5.47 -19.38 5.64
N LEU A 108 -5.14 -18.98 4.42
CA LEU A 108 -6.19 -18.70 3.44
C LEU A 108 -6.92 -20.02 3.11
N LYS A 109 -6.14 -21.09 2.92
CA LYS A 109 -6.75 -22.36 2.58
C LYS A 109 -7.70 -22.86 3.69
N LEU A 110 -7.35 -22.66 4.96
CA LEU A 110 -8.26 -22.87 6.11
C LEU A 110 -9.55 -22.07 5.93
N LEU A 111 -9.44 -20.82 5.50
CA LEU A 111 -10.63 -19.96 5.23
C LEU A 111 -11.51 -20.53 4.12
N ALA A 112 -10.91 -20.83 2.98
CA ALA A 112 -11.66 -21.37 1.87
C ALA A 112 -12.35 -22.70 2.24
N THR A 113 -11.67 -23.55 3.01
CA THR A 113 -12.19 -24.88 3.40
C THR A 113 -13.31 -24.77 4.41
N LYS A 114 -13.14 -23.92 5.40
CA LYS A 114 -14.19 -23.64 6.37
C LYS A 114 -15.37 -22.83 5.73
N GLY A 115 -15.14 -22.19 4.59
CA GLY A 115 -16.11 -21.30 4.01
C GLY A 115 -16.32 -20.03 4.84
N ALA A 116 -15.26 -19.54 5.51
CA ALA A 116 -15.32 -18.32 6.34
C ALA A 116 -15.27 -17.08 5.45
N THR A 117 -16.12 -16.11 5.78
CA THR A 117 -16.22 -14.93 4.96
C THR A 117 -14.89 -14.20 4.90
N PHE A 118 -14.47 -13.80 3.70
CA PHE A 118 -13.17 -13.16 3.44
C PHE A 118 -13.39 -12.03 2.40
N ILE A 119 -12.89 -10.83 2.73
CA ILE A 119 -13.01 -9.67 1.84
C ILE A 119 -11.71 -9.42 1.07
N SER A 120 -11.81 -9.54 -0.26
CA SER A 120 -10.76 -9.18 -1.18
C SER A 120 -10.83 -7.69 -1.45
N ARG A 121 -9.71 -7.06 -1.67
CA ARG A 121 -9.71 -5.66 -2.15
C ARG A 121 -10.35 -5.62 -3.55
N GLY A 122 -10.11 -6.67 -4.35
CA GLY A 122 -10.65 -6.74 -5.71
C GLY A 122 -10.46 -5.51 -6.58
N ASP A 123 -9.25 -4.94 -6.59
CA ASP A 123 -8.96 -3.75 -7.39
C ASP A 123 -7.55 -3.87 -8.02
N LYS A 124 -6.94 -2.73 -8.28
CA LYS A 124 -5.64 -2.61 -8.97
C LYS A 124 -4.48 -2.94 -8.04
N SER A 125 -4.74 -3.07 -6.73
CA SER A 125 -3.72 -2.69 -5.79
C SER A 125 -2.62 -3.72 -5.59
N GLY A 126 -1.48 -3.31 -5.07
CA GLY A 126 -0.46 -4.30 -4.71
C GLY A 126 -0.99 -5.30 -3.68
N THR A 127 -1.97 -4.89 -2.87
CA THR A 127 -2.53 -5.80 -1.85
C THR A 127 -3.32 -6.92 -2.55
N HIS A 128 -4.13 -6.52 -3.51
CA HIS A 128 -4.85 -7.47 -4.37
C HIS A 128 -3.90 -8.45 -5.04
N THR A 129 -2.89 -7.96 -5.74
CA THR A 129 -1.88 -8.83 -6.38
C THR A 129 -1.24 -9.82 -5.42
N LYS A 130 -0.95 -9.38 -4.20
CA LYS A 130 -0.34 -10.26 -3.24
C LYS A 130 -1.33 -11.33 -2.83
N GLU A 131 -2.55 -10.89 -2.60
CA GLU A 131 -3.60 -11.80 -2.22
C GLU A 131 -3.73 -12.91 -3.29
N LEU A 132 -3.83 -12.50 -4.56
CA LEU A 132 -3.96 -13.46 -5.68
C LEU A 132 -2.75 -14.40 -5.77
N ASP A 133 -1.56 -13.85 -5.53
CA ASP A 133 -0.36 -14.69 -5.50
C ASP A 133 -0.44 -15.73 -4.42
N LEU A 134 -1.01 -15.38 -3.26
CA LEU A 134 -1.12 -16.30 -2.14
C LEU A 134 -2.19 -17.36 -2.36
N TRP A 135 -3.37 -16.98 -2.83
CA TRP A 135 -4.32 -18.02 -3.34
C TRP A 135 -3.67 -19.02 -4.32
N LYS A 136 -2.93 -18.52 -5.30
CA LYS A 136 -2.27 -19.39 -6.26
C LYS A 136 -1.23 -20.32 -5.61
N SER A 137 -0.43 -19.81 -4.66
CA SER A 137 0.53 -20.63 -3.85
C SER A 137 -0.18 -21.66 -2.98
N ALA A 138 -1.40 -21.34 -2.53
CA ALA A 138 -2.22 -22.31 -1.80
C ALA A 138 -2.82 -23.35 -2.75
N GLY A 139 -2.68 -23.08 -4.05
CA GLY A 139 -3.28 -23.91 -5.09
C GLY A 139 -4.80 -23.89 -5.01
N VAL A 140 -5.37 -22.76 -4.57
CA VAL A 140 -6.82 -22.61 -4.56
C VAL A 140 -7.25 -21.45 -5.44
N ASP A 141 -8.40 -21.62 -6.08
CA ASP A 141 -8.99 -20.55 -6.86
C ASP A 141 -10.29 -20.20 -6.16
N PRO A 142 -10.38 -18.99 -5.61
CA PRO A 142 -11.44 -18.70 -4.65
C PRO A 142 -12.76 -18.42 -5.35
N LYS A 143 -13.65 -19.38 -5.21
CA LYS A 143 -15.02 -19.26 -5.72
C LYS A 143 -15.92 -19.74 -4.58
N GLY A 144 -16.93 -18.95 -4.26
CA GLY A 144 -17.84 -19.35 -3.20
C GLY A 144 -18.90 -18.29 -3.05
N ASN A 145 -19.41 -18.17 -1.84
CA ASN A 145 -20.08 -16.94 -1.48
C ASN A 145 -19.23 -16.21 -0.49
N TRP A 146 -18.53 -17.00 0.29
CA TRP A 146 -17.64 -16.51 1.35
C TRP A 146 -16.61 -15.53 0.76
N TYR A 147 -16.23 -15.70 -0.52
CA TYR A 147 -15.19 -14.86 -1.16
C TYR A 147 -15.76 -13.59 -1.75
N VAL A 148 -15.56 -12.45 -1.07
CA VAL A 148 -16.14 -11.18 -1.52
C VAL A 148 -15.13 -10.28 -2.18
N GLU A 149 -15.48 -9.65 -3.28
CA GLU A 149 -14.54 -8.75 -3.94
C GLU A 149 -15.04 -7.33 -3.79
N ALA A 150 -14.44 -6.52 -2.92
CA ALA A 150 -15.02 -5.22 -2.60
C ALA A 150 -14.86 -4.12 -3.66
N GLY A 151 -13.70 -4.08 -4.32
CA GLY A 151 -13.39 -3.00 -5.27
C GLY A 151 -13.22 -1.63 -4.60
N GLN A 152 -12.59 -1.65 -3.42
CA GLN A 152 -12.33 -0.46 -2.59
C GLN A 152 -10.96 -0.56 -1.97
N GLY A 153 -10.52 0.57 -1.41
CA GLY A 153 -9.24 0.66 -0.71
C GLY A 153 -9.17 -0.11 0.58
N MSE A 154 -8.01 -0.10 1.21
CA MSE A 154 -7.82 -0.91 2.40
C MSE A 154 -8.75 -0.50 3.56
O MSE A 154 -9.27 -1.35 4.30
CB MSE A 154 -6.35 -0.87 2.81
CG MSE A 154 -5.97 -1.90 3.77
SE MSE A 154 -5.87 -3.57 2.82
CE MSE A 154 -7.53 -4.42 3.54
N GLY A 155 -8.91 0.80 3.75
CA GLY A 155 -9.70 1.34 4.83
C GLY A 155 -11.12 0.84 4.76
N PRO A 156 -11.75 1.03 3.60
CA PRO A 156 -13.12 0.52 3.49
C PRO A 156 -13.22 -1.00 3.58
N VAL A 157 -12.16 -1.72 3.18
CA VAL A 157 -12.21 -3.16 3.33
C VAL A 157 -12.14 -3.55 4.82
N ILE A 158 -11.30 -2.87 5.61
CA ILE A 158 -11.24 -3.17 7.06
C ILE A 158 -12.59 -2.88 7.69
N THR A 159 -13.23 -1.80 7.27
CA THR A 159 -14.57 -1.53 7.79
C THR A 159 -15.58 -2.60 7.41
N MSE A 160 -15.58 -3.04 6.15
CA MSE A 160 -16.54 -4.05 5.70
C MSE A 160 -16.22 -5.37 6.42
O MSE A 160 -17.11 -6.00 6.90
CB MSE A 160 -16.47 -4.24 4.20
CG MSE A 160 -17.62 -5.11 3.59
SE MSE A 160 -17.32 -5.46 1.66
CE MSE A 160 -16.49 -3.76 1.15
N ALA A 161 -14.95 -5.75 6.54
CA ALA A 161 -14.61 -7.01 7.28
C ALA A 161 -15.16 -6.93 8.67
N THR A 162 -15.06 -5.75 9.30
CA THR A 162 -15.46 -5.58 10.68
C THR A 162 -16.99 -5.75 10.85
N GLU A 163 -17.74 -5.11 9.97
CA GLU A 163 -19.20 -5.27 9.97
C GLU A 163 -19.61 -6.72 9.74
N ARG A 164 -18.91 -7.40 8.83
CA ARG A 164 -19.33 -8.73 8.40
C ARG A 164 -18.73 -9.82 9.28
N ARG A 165 -17.87 -9.44 10.24
CA ARG A 165 -17.07 -10.37 11.05
C ARG A 165 -16.33 -11.37 10.18
N ALA A 166 -15.66 -10.79 9.19
CA ALA A 166 -14.94 -11.51 8.14
C ALA A 166 -13.45 -11.39 8.42
N TYR A 167 -12.69 -12.22 7.70
CA TYR A 167 -11.26 -12.11 7.63
C TYR A 167 -10.90 -11.26 6.40
N THR A 168 -9.73 -10.66 6.45
CA THR A 168 -9.19 -9.96 5.33
C THR A 168 -7.67 -9.91 5.43
N LEU A 169 -7.02 -9.83 4.27
CA LEU A 169 -5.62 -9.60 4.14
C LEU A 169 -5.43 -8.09 4.09
N THR A 170 -4.63 -7.57 5.02
CA THR A 170 -4.39 -6.12 5.12
C THR A 170 -2.92 -5.82 5.30
N ASP A 171 -2.45 -4.67 4.79
CA ASP A 171 -1.14 -4.20 5.21
C ASP A 171 -1.25 -3.78 6.72
N ARG A 172 -0.17 -3.99 7.49
CA ARG A 172 -0.17 -3.75 8.93
C ARG A 172 -0.30 -2.29 9.18
N GLY A 173 0.28 -1.48 8.29
CA GLY A 173 0.26 -0.03 8.51
C GLY A 173 -1.15 0.49 8.63
N THR A 174 -2.01 0.15 7.67
CA THR A 174 -3.39 0.61 7.71
C THR A 174 -4.17 0.03 8.93
N TYR A 175 -4.02 -1.25 9.17
CA TYR A 175 -4.58 -1.85 10.37
C TYR A 175 -4.19 -1.13 11.68
N ASN A 176 -2.87 -0.91 11.89
CA ASN A 176 -2.34 -0.23 13.08
C ASN A 176 -3.02 1.10 13.21
N ALA A 177 -3.26 1.79 12.09
CA ALA A 177 -3.93 3.11 12.15
C ALA A 177 -5.42 2.98 12.48
N PHE A 178 -6.05 1.87 12.11
CA PHE A 178 -7.51 1.65 12.36
C PHE A 178 -7.80 0.93 13.72
N LYS A 179 -6.77 0.28 14.29
CA LYS A 179 -6.93 -0.67 15.37
C LYS A 179 -7.71 0.00 16.46
N GLY A 180 -8.77 -0.67 16.91
CA GLY A 180 -9.50 -0.26 18.13
C GLY A 180 -10.57 0.80 17.92
N ALA A 181 -10.19 1.93 17.30
CA ALA A 181 -11.11 3.03 17.07
C ALA A 181 -12.09 2.67 15.96
N LYS A 182 -11.52 2.09 14.91
CA LYS A 182 -12.27 1.82 13.71
C LYS A 182 -12.38 0.31 13.33
N THR A 183 -11.84 -0.59 14.14
CA THR A 183 -12.14 -2.04 14.04
C THR A 183 -12.04 -2.63 15.41
N ASP A 184 -12.66 -3.79 15.59
CA ASP A 184 -12.36 -4.68 16.74
C ASP A 184 -11.72 -6.00 16.25
N LEU A 185 -11.39 -6.12 14.95
CA LEU A 185 -10.64 -7.25 14.40
C LEU A 185 -9.21 -7.22 14.96
N VAL A 186 -8.61 -8.40 15.06
CA VAL A 186 -7.31 -8.54 15.62
C VAL A 186 -6.46 -9.27 14.58
N ILE A 187 -5.13 -9.13 14.70
CA ILE A 187 -4.20 -9.89 13.88
C ILE A 187 -4.24 -11.36 14.33
N LEU A 188 -4.61 -12.23 13.40
CA LEU A 188 -4.64 -13.68 13.65
C LEU A 188 -3.52 -14.40 12.95
N PHE A 189 -3.02 -13.86 11.85
CA PHE A 189 -1.81 -14.39 11.23
C PHE A 189 -0.88 -13.29 10.79
N GLN A 190 0.39 -13.43 11.17
CA GLN A 190 1.44 -12.55 10.69
C GLN A 190 2.75 -13.33 10.40
N GLY A 191 3.52 -12.77 9.46
CA GLY A 191 4.80 -13.38 9.01
C GLY A 191 5.87 -13.27 10.07
N LEU A 195 9.04 -9.71 6.81
CA LEU A 195 9.82 -9.14 5.70
C LEU A 195 9.09 -7.86 5.32
N PHE A 196 9.60 -7.03 4.38
CA PHE A 196 8.86 -5.80 3.92
C PHE A 196 8.53 -5.70 2.38
N ASN A 197 7.60 -4.80 2.09
CA ASN A 197 7.00 -4.70 0.78
C ASN A 197 7.76 -3.69 0.02
N PRO A 198 7.96 -3.98 -1.25
CA PRO A 198 8.75 -3.10 -2.03
C PRO A 198 7.92 -1.99 -2.58
N TYR A 199 7.70 -0.94 -1.81
CA TYR A 199 7.04 0.17 -2.41
C TYR A 199 7.98 0.63 -3.45
N GLY A 200 7.45 1.20 -4.52
CA GLY A 200 8.27 1.95 -5.45
C GLY A 200 8.01 3.48 -5.42
N ILE A 201 9.09 4.24 -5.41
CA ILE A 201 9.06 5.69 -5.49
C ILE A 201 9.76 6.06 -6.79
N MSE A 202 9.13 6.93 -7.59
CA MSE A 202 9.57 7.20 -8.98
C MSE A 202 9.34 8.66 -9.27
O MSE A 202 8.37 9.23 -8.78
CB MSE A 202 8.78 6.38 -10.00
CG MSE A 202 8.78 4.93 -9.78
SE MSE A 202 7.46 4.05 -10.87
CE MSE A 202 5.72 4.43 -10.13
N ALA A 203 10.24 9.26 -10.04
CA ALA A 203 10.12 10.61 -10.51
C ALA A 203 9.42 10.58 -11.88
N VAL A 204 8.51 11.54 -12.07
CA VAL A 204 7.81 11.74 -13.33
C VAL A 204 8.84 12.33 -14.30
N ASN A 205 8.90 11.78 -15.49
CA ASN A 205 9.98 12.07 -16.46
C ASN A 205 9.87 13.46 -17.08
N PRO A 206 10.81 14.35 -16.79
CA PRO A 206 10.72 15.69 -17.40
C PRO A 206 10.95 15.70 -18.91
N LYS A 207 11.53 14.64 -19.50
CA LYS A 207 11.56 14.58 -20.99
C LYS A 207 10.12 14.49 -21.55
N LYS A 208 9.20 13.89 -20.81
CA LYS A 208 7.79 13.87 -21.21
C LYS A 208 7.07 15.11 -20.73
N PHE A 209 7.39 15.56 -19.54
CA PHE A 209 6.68 16.71 -18.97
C PHE A 209 7.71 17.69 -18.46
N PRO A 210 8.09 18.68 -19.30
CA PRO A 210 9.24 19.49 -18.84
C PRO A 210 8.99 20.41 -17.59
N HIS A 211 7.74 20.64 -17.22
CA HIS A 211 7.43 21.48 -16.07
C HIS A 211 7.38 20.72 -14.74
N VAL A 212 7.55 19.41 -14.77
CA VAL A 212 7.60 18.68 -13.54
C VAL A 212 8.85 19.12 -12.69
N LYS A 213 8.73 19.01 -11.37
CA LYS A 213 9.78 19.44 -10.40
C LYS A 213 10.76 18.25 -10.21
N TYR A 214 11.55 17.95 -11.24
CA TYR A 214 12.33 16.70 -11.26
C TYR A 214 13.49 16.71 -10.27
N ASP A 215 14.17 17.84 -10.23
CA ASP A 215 15.34 17.96 -9.40
C ASP A 215 14.89 17.80 -7.93
N LEU A 216 13.75 18.41 -7.59
CA LEU A 216 13.21 18.29 -6.25
C LEU A 216 12.68 16.84 -6.00
N ALA A 217 12.05 16.26 -7.03
CA ALA A 217 11.65 14.83 -6.95
C ALA A 217 12.85 13.93 -6.63
N MSE A 218 13.96 14.18 -7.33
CA MSE A 218 15.13 13.36 -7.14
C MSE A 218 15.72 13.55 -5.71
O MSE A 218 16.18 12.57 -5.08
CB MSE A 218 16.11 13.65 -8.25
CG MSE A 218 15.71 13.03 -9.61
SE MSE A 218 15.33 11.10 -9.57
CE MSE A 218 13.94 10.98 -8.20
N LYS A 219 15.61 14.75 -5.17
CA LYS A 219 16.02 14.96 -3.78
C LYS A 219 15.18 14.19 -2.82
N LEU A 220 13.88 14.15 -3.10
CA LEU A 220 12.97 13.39 -2.28
C LEU A 220 13.32 11.92 -2.30
N ILE A 221 13.55 11.37 -3.50
CA ILE A 221 13.85 9.97 -3.59
C ILE A 221 15.18 9.64 -2.86
N ASP A 222 16.17 10.47 -3.01
CA ASP A 222 17.47 10.32 -2.31
C ASP A 222 17.28 10.32 -0.80
N TYR A 223 16.36 11.19 -0.37
CA TYR A 223 16.06 11.35 1.04
C TYR A 223 15.40 10.14 1.63
N VAL A 224 14.32 9.71 1.01
CA VAL A 224 13.54 8.57 1.44
C VAL A 224 14.40 7.32 1.46
N THR A 225 15.30 7.13 0.52
CA THR A 225 16.19 5.94 0.51
C THR A 225 17.51 6.19 1.21
N GLY A 226 17.69 7.39 1.75
CA GLY A 226 18.91 7.69 2.50
C GLY A 226 18.84 7.32 3.95
N PRO A 227 19.95 7.49 4.68
CA PRO A 227 19.96 7.04 6.05
C PRO A 227 18.87 7.66 6.94
N GLU A 228 18.54 8.94 6.76
CA GLU A 228 17.55 9.59 7.66
C GLU A 228 16.20 9.03 7.35
N GLY A 229 15.89 8.92 6.05
CA GLY A 229 14.63 8.37 5.60
C GLY A 229 14.45 6.94 6.04
N LEU A 230 15.48 6.11 5.85
CA LEU A 230 15.39 4.72 6.24
C LEU A 230 15.18 4.55 7.74
N LYS A 231 15.84 5.38 8.54
CA LYS A 231 15.68 5.31 9.96
C LYS A 231 14.26 5.64 10.39
N ILE A 232 13.64 6.62 9.76
CA ILE A 232 12.27 6.93 10.10
C ILE A 232 11.36 5.76 9.72
N ILE A 233 11.62 5.19 8.53
CA ILE A 233 10.76 4.12 8.03
C ILE A 233 10.91 2.90 8.91
N SER A 234 12.15 2.61 9.32
CA SER A 234 12.37 1.43 10.18
C SER A 234 11.90 1.65 11.62
N ASP A 235 11.93 2.90 12.12
CA ASP A 235 11.45 3.24 13.49
C ASP A 235 9.93 3.38 13.57
N TYR A 236 9.27 3.49 12.42
CA TYR A 236 7.89 3.94 12.38
C TYR A 236 6.93 2.90 13.01
W W B . -2.29 -0.43 -1.59
W W C . -0.36 24.14 3.41
C1 GOL D . -7.30 1.61 -9.07
O1 GOL D . -7.86 0.67 -8.21
C2 GOL D . -8.49 2.43 -9.31
O2 GOL D . -9.27 2.47 -8.08
C3 GOL D . -8.15 3.76 -9.85
O3 GOL D . -7.65 4.64 -9.01
#